data_8Q4N
#
_entry.id   8Q4N
#
_cell.length_a   39.970
_cell.length_b   103.040
_cell.length_c   42.030
_cell.angle_alpha   90.000
_cell.angle_beta   104.400
_cell.angle_gamma   90.000
#
_symmetry.space_group_name_H-M   'P 1 21 1'
#
loop_
_entity.id
_entity.type
_entity.pdbx_description
1 polymer 'YTH domain-containing protein 1'
2 non-polymer 3-[[2-chloranyl-6-(methylamino)purin-9-yl]methyl]benzenecarbonitrile
3 non-polymer 'SULFATE ION'
4 water water
#
_entity_poly.entity_id   1
_entity_poly.type   'polypeptide(L)'
_entity_poly.pdbx_seq_one_letter_code
;GTSKLKYVLQDARFFLIKSNNHENVSLAKAKGVWSTLPVNEKKLNLAFRSARSVILIFSVRESGKFQGFARLSSESHHGG
SPIHWVLPAGMSAKMLGGVFKIDWICRRELPFTKSAHLTNPWNEHKPVKIGRDGQEIELECGTQLCLLFPPDESIDLYQV
IHKMRH
;
_entity_poly.pdbx_strand_id   A,B
#
loop_
_chem_comp.id
_chem_comp.type
_chem_comp.name
_chem_comp.formula
JIR non-polymer 3-[[2-chloranyl-6-(methylamino)purin-9-yl]methyl]benzenecarbonitrile 'C14 H11 Cl N6'
SO4 non-polymer 'SULFATE ION' 'O4 S -2'
#
# COMPACT_ATOMS: atom_id res chain seq x y z
N GLY A 1 3.85 4.89 -3.65
CA GLY A 1 4.59 5.41 -2.52
C GLY A 1 5.06 4.33 -1.57
N THR A 2 5.69 4.73 -0.47
CA THR A 2 6.23 3.80 0.51
C THR A 2 5.59 3.96 1.88
N SER A 3 4.58 4.81 2.03
CA SER A 3 4.07 5.12 3.37
C SER A 3 3.28 3.95 3.94
N LYS A 4 2.41 3.32 3.15
CA LYS A 4 1.68 2.17 3.65
C LYS A 4 2.62 1.02 3.99
N LEU A 5 3.66 0.81 3.17
CA LEU A 5 4.63 -0.23 3.47
C LEU A 5 5.31 0.03 4.80
N LYS A 6 5.72 1.27 5.04
CA LYS A 6 6.34 1.60 6.31
C LYS A 6 5.40 1.35 7.48
N TYR A 7 4.10 1.61 7.29
CA TYR A 7 3.14 1.37 8.35
C TYR A 7 3.01 -0.13 8.63
N VAL A 8 2.99 -0.94 7.58
CA VAL A 8 2.93 -2.40 7.77
C VAL A 8 4.15 -2.91 8.52
N LEU A 9 5.31 -2.31 8.28
CA LEU A 9 6.58 -2.73 8.87
C LEU A 9 6.81 -2.17 10.26
N GLN A 10 5.99 -1.23 10.70
CA GLN A 10 6.16 -0.62 12.02
C GLN A 10 6.10 -1.71 13.10
N ASP A 11 7.16 -1.80 13.89
CA ASP A 11 7.21 -2.72 15.03
C ASP A 11 7.01 -4.18 14.61
N ALA A 12 7.33 -4.50 13.36
CA ALA A 12 7.24 -5.85 12.86
C ALA A 12 8.43 -6.69 13.33
N ARG A 13 8.27 -8.00 13.23
CA ARG A 13 9.36 -8.95 13.31
C ARG A 13 9.66 -9.54 11.94
N PHE A 14 10.90 -9.90 11.71
CA PHE A 14 11.38 -10.34 10.42
C PHE A 14 12.14 -11.66 10.57
N PHE A 15 11.93 -12.58 9.63
CA PHE A 15 12.60 -13.87 9.62
C PHE A 15 13.05 -14.21 8.22
N LEU A 16 14.27 -14.68 8.10
CA LEU A 16 14.84 -15.12 6.83
C LEU A 16 14.39 -16.54 6.55
N ILE A 17 13.83 -16.76 5.37
CA ILE A 17 13.40 -18.06 4.91
C ILE A 17 14.32 -18.49 3.78
N LYS A 18 14.94 -19.66 3.92
CA LYS A 18 15.82 -20.19 2.89
C LYS A 18 15.15 -21.43 2.30
N SER A 19 14.88 -21.40 1.00
CA SER A 19 14.27 -22.51 0.30
C SER A 19 15.32 -23.18 -0.56
N ASN A 20 15.30 -24.51 -0.60
CA ASN A 20 16.27 -25.22 -1.41
C ASN A 20 15.97 -25.17 -2.91
N ASN A 21 14.76 -24.74 -3.30
CA ASN A 21 14.44 -24.68 -4.71
C ASN A 21 13.47 -23.53 -5.00
N HIS A 22 13.40 -23.16 -6.28
CA HIS A 22 12.51 -22.11 -6.72
C HIS A 22 11.06 -22.59 -6.74
N GLU A 23 10.85 -23.88 -7.00
CA GLU A 23 9.49 -24.41 -7.13
C GLU A 23 8.66 -24.10 -5.90
N ASN A 24 9.22 -24.27 -4.71
CA ASN A 24 8.42 -24.05 -3.52
C ASN A 24 8.09 -22.57 -3.31
N VAL A 25 9.01 -21.68 -3.64
CA VAL A 25 8.72 -20.25 -3.54
C VAL A 25 7.67 -19.85 -4.57
N SER A 26 7.72 -20.43 -5.77
CA SER A 26 6.68 -20.16 -6.75
CA SER A 26 6.69 -20.17 -6.76
C SER A 26 5.33 -20.66 -6.27
N LEU A 27 5.30 -21.85 -5.67
CA LEU A 27 4.04 -22.36 -5.11
C LEU A 27 3.53 -21.44 -4.02
N ALA A 28 4.44 -20.93 -3.17
CA ALA A 28 4.03 -20.03 -2.10
C ALA A 28 3.48 -18.72 -2.64
N LYS A 29 4.07 -18.23 -3.73
CA LYS A 29 3.57 -17.00 -4.35
C LYS A 29 2.19 -17.20 -4.98
N ALA A 30 1.93 -18.38 -5.53
CA ALA A 30 0.68 -18.64 -6.22
C ALA A 30 -0.46 -18.90 -5.23
N LYS A 31 -0.17 -19.59 -4.13
CA LYS A 31 -1.18 -20.08 -3.20
C LYS A 31 -1.24 -19.31 -1.89
N GLY A 32 -0.25 -18.47 -1.59
CA GLY A 32 -0.30 -17.70 -0.36
C GLY A 32 -0.08 -18.55 0.89
N VAL A 33 0.83 -19.52 0.82
CA VAL A 33 1.09 -20.44 1.92
C VAL A 33 2.59 -20.65 2.06
N TRP A 34 3.00 -21.03 3.27
CA TRP A 34 4.37 -21.48 3.50
C TRP A 34 4.38 -22.58 4.54
N SER A 35 5.32 -23.49 4.41
CA SER A 35 5.57 -24.51 5.42
C SER A 35 7.06 -24.58 5.70
N THR A 36 7.42 -24.82 6.97
CA THR A 36 8.82 -24.89 7.37
C THR A 36 8.99 -26.05 8.34
N LEU A 37 10.24 -26.28 8.71
CA LEU A 37 10.57 -27.37 9.63
C LEU A 37 10.03 -27.06 11.03
N PRO A 38 9.74 -28.11 11.83
CA PRO A 38 9.07 -27.88 13.13
C PRO A 38 9.79 -26.90 14.05
N VAL A 39 11.12 -26.87 14.06
CA VAL A 39 11.83 -25.91 14.90
C VAL A 39 11.42 -24.48 14.53
N ASN A 40 11.38 -24.18 13.23
CA ASN A 40 11.00 -22.85 12.79
C ASN A 40 9.50 -22.60 12.90
N GLU A 41 8.70 -23.64 12.70
CA GLU A 41 7.26 -23.49 12.87
C GLU A 41 6.90 -23.01 14.27
N LYS A 42 7.56 -23.57 15.29
CA LYS A 42 7.30 -23.11 16.66
C LYS A 42 7.70 -21.66 16.84
N LYS A 43 8.84 -21.26 16.28
CA LYS A 43 9.26 -19.87 16.40
C LYS A 43 8.28 -18.92 15.72
N LEU A 44 7.80 -19.29 14.54
CA LEU A 44 6.88 -18.40 13.81
C LEU A 44 5.53 -18.30 14.51
N ASN A 45 5.04 -19.41 15.06
CA ASN A 45 3.79 -19.36 15.80
C ASN A 45 3.89 -18.45 17.02
N LEU A 46 5.01 -18.55 17.75
CA LEU A 46 5.24 -17.64 18.87
C LEU A 46 5.31 -16.18 18.41
N ALA A 47 6.04 -15.93 17.32
CA ALA A 47 6.17 -14.57 16.81
C ALA A 47 4.82 -14.02 16.34
N PHE A 48 3.99 -14.85 15.72
CA PHE A 48 2.71 -14.37 15.20
C PHE A 48 1.86 -13.76 16.29
N ARG A 49 1.86 -14.34 17.49
CA ARG A 49 1.07 -13.81 18.59
C ARG A 49 1.69 -12.57 19.22
N SER A 50 2.98 -12.33 18.99
CA SER A 50 3.75 -11.34 19.74
C SER A 50 3.84 -9.99 19.06
N ALA A 51 3.55 -9.90 17.76
CA ALA A 51 3.86 -8.69 17.01
C ALA A 51 2.72 -8.39 16.06
N ARG A 52 2.55 -7.10 15.75
CA ARG A 52 1.51 -6.69 14.81
C ARG A 52 1.73 -7.27 13.42
N SER A 53 2.98 -7.49 13.03
CA SER A 53 3.31 -8.05 11.73
C SER A 53 4.52 -8.95 11.87
N VAL A 54 4.45 -10.13 11.26
CA VAL A 54 5.59 -11.03 11.13
C VAL A 54 5.88 -11.17 9.65
N ILE A 55 7.09 -10.76 9.24
CA ILE A 55 7.48 -10.71 7.85
C ILE A 55 8.47 -11.83 7.56
N LEU A 56 8.19 -12.63 6.54
CA LEU A 56 9.11 -13.63 6.01
C LEU A 56 9.78 -13.06 4.76
N ILE A 57 11.11 -13.09 4.74
CA ILE A 57 11.90 -12.62 3.60
C ILE A 57 12.54 -13.85 2.98
N PHE A 58 12.23 -14.12 1.71
CA PHE A 58 12.52 -15.41 1.10
C PHE A 58 13.79 -15.34 0.28
N SER A 59 14.60 -16.39 0.37
CA SER A 59 15.76 -16.52 -0.49
C SER A 59 15.95 -17.98 -0.91
N VAL A 60 16.01 -18.19 -2.23
CA VAL A 60 16.30 -19.51 -2.78
C VAL A 60 17.80 -19.76 -2.77
N ARG A 61 18.20 -20.89 -2.20
CA ARG A 61 19.61 -21.26 -2.11
C ARG A 61 20.27 -21.26 -3.48
N GLU A 62 21.47 -20.67 -3.54
CA GLU A 62 22.32 -20.51 -4.71
C GLU A 62 21.80 -19.48 -5.72
N SER A 63 20.71 -18.78 -5.43
CA SER A 63 20.21 -17.82 -6.39
C SER A 63 20.92 -16.48 -6.33
N GLY A 64 21.58 -16.17 -5.21
CA GLY A 64 22.18 -14.86 -5.06
C GLY A 64 21.20 -13.74 -4.86
N LYS A 65 19.94 -14.05 -4.53
CA LYS A 65 18.91 -13.03 -4.47
C LYS A 65 17.91 -13.41 -3.39
N PHE A 66 17.17 -12.40 -2.94
CA PHE A 66 15.90 -12.61 -2.28
C PHE A 66 14.81 -12.60 -3.34
N GLN A 67 13.74 -13.38 -3.12
CA GLN A 67 12.65 -13.48 -4.09
C GLN A 67 11.40 -12.70 -3.67
N GLY A 68 11.41 -12.05 -2.53
CA GLY A 68 10.32 -11.22 -2.11
C GLY A 68 10.09 -11.39 -0.64
N PHE A 69 9.01 -10.77 -0.14
CA PHE A 69 8.63 -10.91 1.25
C PHE A 69 7.12 -10.85 1.43
N ALA A 70 6.69 -11.40 2.57
CA ALA A 70 5.27 -11.61 2.83
C ALA A 70 5.01 -11.52 4.32
N ARG A 71 3.77 -11.28 4.70
CA ARG A 71 3.36 -11.17 6.08
C ARG A 71 2.53 -12.39 6.49
N LEU A 72 2.87 -13.00 7.62
CA LEU A 72 2.00 -14.06 8.15
C LEU A 72 0.60 -13.52 8.38
N SER A 73 -0.41 -14.25 7.91
CA SER A 73 -1.79 -13.92 8.24
C SER A 73 -2.44 -14.97 9.15
N SER A 74 -1.72 -16.02 9.53
CA SER A 74 -2.24 -17.03 10.43
C SER A 74 -1.09 -17.78 11.10
N GLU A 75 -1.41 -18.48 12.18
CA GLU A 75 -0.53 -19.51 12.71
C GLU A 75 -0.58 -20.74 11.80
N SER A 76 0.30 -21.70 12.05
CA SER A 76 0.31 -22.90 11.22
C SER A 76 -0.91 -23.76 11.51
N HIS A 77 -1.46 -24.38 10.46
CA HIS A 77 -2.61 -25.25 10.59
C HIS A 77 -2.36 -26.54 9.80
N HIS A 78 -2.90 -27.63 10.31
CA HIS A 78 -2.73 -28.96 9.74
C HIS A 78 -4.04 -29.43 9.12
N GLY A 79 -3.93 -30.37 8.19
CA GLY A 79 -5.08 -30.87 7.46
C GLY A 79 -5.55 -29.87 6.43
N GLY A 80 -6.54 -30.27 5.66
CA GLY A 80 -7.01 -29.41 4.61
C GLY A 80 -6.12 -29.50 3.38
N SER A 81 -6.39 -28.60 2.43
CA SER A 81 -5.72 -28.49 1.14
C SER A 81 -4.23 -28.79 1.24
N PRO A 82 -3.79 -29.97 0.80
CA PRO A 82 -2.36 -30.30 0.87
C PRO A 82 -1.59 -29.53 -0.18
N ILE A 83 -0.29 -29.40 0.06
CA ILE A 83 0.60 -28.63 -0.81
C ILE A 83 1.65 -29.55 -1.40
N HIS A 84 1.75 -29.57 -2.73
CA HIS A 84 2.71 -30.42 -3.42
C HIS A 84 4.10 -29.76 -3.45
N TRP A 85 4.65 -29.57 -2.25
CA TRP A 85 6.02 -29.08 -2.15
C TRP A 85 6.97 -30.05 -2.84
N VAL A 86 7.97 -29.52 -3.52
CA VAL A 86 9.06 -30.34 -4.04
C VAL A 86 10.05 -30.54 -2.90
N LEU A 87 10.19 -31.78 -2.47
CA LEU A 87 10.89 -32.08 -1.23
C LEU A 87 12.33 -32.48 -1.54
N PRO A 88 13.30 -31.82 -0.92
CA PRO A 88 14.70 -32.26 -1.07
C PRO A 88 14.96 -33.63 -0.47
N ALA A 89 16.21 -34.08 -0.55
CA ALA A 89 16.59 -35.34 0.07
C ALA A 89 16.54 -35.23 1.58
N GLY A 90 15.93 -36.23 2.23
CA GLY A 90 15.72 -36.20 3.66
C GLY A 90 14.44 -35.47 4.03
N MET A 91 14.03 -34.53 3.18
CA MET A 91 12.82 -33.76 3.43
C MET A 91 11.60 -34.59 3.12
N SER A 92 10.64 -34.62 4.04
CA SER A 92 9.41 -35.37 3.89
C SER A 92 8.22 -34.45 4.10
N ALA A 93 7.07 -34.87 3.56
CA ALA A 93 5.86 -34.06 3.67
C ALA A 93 5.38 -33.91 5.11
N LYS A 94 5.75 -34.84 6.00
CA LYS A 94 5.31 -34.74 7.39
C LYS A 94 6.06 -33.64 8.14
N MET A 95 7.32 -33.40 7.80
CA MET A 95 8.07 -32.30 8.40
C MET A 95 7.60 -30.96 7.87
N LEU A 96 7.22 -30.90 6.60
CA LEU A 96 6.61 -29.70 6.03
C LEU A 96 5.11 -29.63 6.29
N GLY A 97 4.60 -30.46 7.20
CA GLY A 97 3.25 -30.26 7.69
C GLY A 97 3.14 -28.98 8.49
N GLY A 98 1.91 -28.50 8.63
CA GLY A 98 1.71 -27.20 9.23
C GLY A 98 1.87 -26.12 8.20
N VAL A 99 0.76 -25.53 7.78
CA VAL A 99 0.74 -24.53 6.71
C VAL A 99 0.38 -23.20 7.32
N PHE A 100 1.23 -22.19 7.08
CA PHE A 100 0.89 -20.81 7.40
C PHE A 100 0.28 -20.14 6.19
N LYS A 101 -0.74 -19.32 6.40
CA LYS A 101 -1.22 -18.42 5.36
C LYS A 101 -0.38 -17.15 5.38
N ILE A 102 -0.04 -16.65 4.18
CA ILE A 102 0.78 -15.46 4.04
C ILE A 102 0.16 -14.53 3.00
N ASP A 103 0.36 -13.23 3.19
CA ASP A 103 -0.01 -12.21 2.21
C ASP A 103 1.26 -11.60 1.67
N TRP A 104 1.46 -11.69 0.37
CA TRP A 104 2.68 -11.16 -0.21
C TRP A 104 2.65 -9.65 -0.17
N ILE A 105 3.79 -9.08 0.18
CA ILE A 105 3.95 -7.64 0.16
C ILE A 105 4.76 -7.23 -1.06
N CYS A 106 5.70 -8.09 -1.47
CA CYS A 106 6.54 -7.84 -2.64
C CYS A 106 6.92 -9.19 -3.24
N ARG A 107 6.60 -9.39 -4.51
CA ARG A 107 6.98 -10.61 -5.23
C ARG A 107 8.16 -10.42 -6.15
N ARG A 108 8.81 -9.25 -6.08
CA ARG A 108 9.97 -8.90 -6.87
C ARG A 108 11.24 -9.37 -6.18
N GLU A 109 12.29 -9.55 -6.98
CA GLU A 109 13.58 -9.99 -6.47
C GLU A 109 14.45 -8.82 -6.07
N LEU A 110 15.39 -9.12 -5.18
CA LEU A 110 16.44 -8.19 -4.80
C LEU A 110 17.77 -8.94 -4.76
N PRO A 111 18.75 -8.55 -5.56
CA PRO A 111 20.04 -9.24 -5.53
C PRO A 111 20.77 -8.96 -4.22
N PHE A 112 21.52 -9.96 -3.75
CA PHE A 112 22.32 -9.80 -2.54
C PHE A 112 23.29 -8.64 -2.67
N THR A 113 23.74 -8.31 -3.89
CA THR A 113 24.66 -7.21 -4.06
C THR A 113 24.07 -5.88 -3.56
N LYS A 114 22.74 -5.76 -3.55
CA LYS A 114 22.09 -4.52 -3.11
C LYS A 114 21.94 -4.41 -1.59
N SER A 115 22.10 -5.51 -0.85
CA SER A 115 21.93 -5.49 0.60
C SER A 115 23.25 -5.63 1.34
N ALA A 116 24.38 -5.45 0.65
CA ALA A 116 25.68 -5.64 1.26
C ALA A 116 25.99 -4.63 2.35
N HIS A 117 25.24 -3.54 2.45
CA HIS A 117 25.45 -2.55 3.50
C HIS A 117 24.63 -2.80 4.76
N LEU A 118 23.86 -3.90 4.81
CA LEU A 118 22.97 -4.20 5.93
C LEU A 118 23.50 -5.43 6.65
N THR A 119 23.79 -5.28 7.94
CA THR A 119 24.20 -6.38 8.80
C THR A 119 23.12 -6.64 9.83
N ASN A 120 23.05 -7.90 10.28
CA ASN A 120 22.01 -8.36 11.19
C ASN A 120 22.60 -8.56 12.58
N PRO A 121 22.24 -7.72 13.55
CA PRO A 121 22.77 -7.91 14.92
C PRO A 121 22.52 -9.30 15.50
N TRP A 122 21.40 -9.94 15.15
CA TRP A 122 21.05 -11.24 15.70
C TRP A 122 21.79 -12.39 15.04
N ASN A 123 22.62 -12.10 14.03
CA ASN A 123 23.52 -13.08 13.45
C ASN A 123 24.93 -12.49 13.37
N GLU A 124 25.43 -12.04 14.53
CA GLU A 124 26.83 -11.63 14.68
C GLU A 124 27.21 -10.49 13.73
N HIS A 125 26.22 -9.68 13.31
CA HIS A 125 26.45 -8.57 12.39
C HIS A 125 27.03 -9.03 11.04
N LYS A 126 26.73 -10.26 10.66
CA LYS A 126 27.02 -10.71 9.32
C LYS A 126 26.04 -10.05 8.35
N PRO A 127 26.42 -9.91 7.08
CA PRO A 127 25.48 -9.40 6.07
C PRO A 127 24.17 -10.17 6.15
N VAL A 128 23.07 -9.43 5.97
CA VAL A 128 21.75 -9.99 6.24
C VAL A 128 21.43 -11.15 5.30
N LYS A 129 22.06 -11.20 4.12
CA LYS A 129 21.91 -12.37 3.26
C LYS A 129 22.39 -13.65 3.93
N ILE A 130 23.27 -13.56 4.92
CA ILE A 130 23.80 -14.76 5.57
C ILE A 130 22.88 -15.16 6.72
N GLY A 131 22.52 -16.43 6.75
CA GLY A 131 21.71 -16.94 7.83
C GLY A 131 21.03 -18.25 7.48
N ARG A 132 20.80 -19.09 8.48
CA ARG A 132 20.06 -20.32 8.28
C ARG A 132 18.58 -20.02 8.11
N ASP A 133 17.86 -20.97 7.53
CA ASP A 133 16.41 -20.88 7.48
C ASP A 133 15.87 -20.62 8.88
N GLY A 134 15.03 -19.59 9.00
CA GLY A 134 14.44 -19.22 10.26
C GLY A 134 15.16 -18.14 11.04
N GLN A 135 16.32 -17.69 10.59
CA GLN A 135 17.10 -16.71 11.33
C GLN A 135 16.29 -15.43 11.50
N GLU A 136 16.14 -14.95 12.73
CA GLU A 136 15.47 -13.68 12.94
C GLU A 136 16.36 -12.52 12.55
N ILE A 137 15.77 -11.51 11.91
CA ILE A 137 16.45 -10.29 11.49
C ILE A 137 15.95 -9.15 12.38
N GLU A 138 16.88 -8.45 13.04
CA GLU A 138 16.52 -7.34 13.92
C GLU A 138 15.71 -6.27 13.18
N LEU A 139 14.85 -5.58 13.93
CA LEU A 139 13.87 -4.62 13.39
C LEU A 139 14.47 -3.66 12.37
N GLU A 140 15.51 -2.92 12.76
CA GLU A 140 16.04 -1.87 11.88
C GLU A 140 16.62 -2.47 10.60
N CYS A 141 17.39 -3.55 10.72
CA CYS A 141 17.94 -4.22 9.54
C CYS A 141 16.83 -4.73 8.64
N GLY A 142 15.83 -5.39 9.23
CA GLY A 142 14.75 -5.96 8.44
C GLY A 142 13.94 -4.90 7.72
N THR A 143 13.67 -3.79 8.41
CA THR A 143 12.95 -2.69 7.79
C THR A 143 13.70 -2.13 6.60
N GLN A 144 15.00 -1.84 6.77
CA GLN A 144 15.82 -1.34 5.67
C GLN A 144 15.86 -2.34 4.52
N LEU A 145 16.00 -3.63 4.83
CA LEU A 145 16.02 -4.64 3.79
C LEU A 145 14.74 -4.61 2.96
N CYS A 146 13.58 -4.63 3.63
CA CYS A 146 12.33 -4.61 2.90
C CYS A 146 12.20 -3.36 2.05
N LEU A 147 12.68 -2.22 2.55
CA LEU A 147 12.57 -0.99 1.78
C LEU A 147 13.49 -0.95 0.58
N LEU A 148 14.49 -1.84 0.51
CA LEU A 148 15.36 -1.90 -0.66
C LEU A 148 14.68 -2.55 -1.86
N PHE A 149 13.67 -3.39 -1.63
CA PHE A 149 13.07 -4.12 -2.74
C PHE A 149 12.44 -3.14 -3.72
N PRO A 150 12.43 -3.46 -5.01
CA PRO A 150 11.63 -2.67 -5.96
C PRO A 150 10.19 -2.66 -5.53
N PRO A 151 9.48 -1.56 -5.72
CA PRO A 151 8.05 -1.54 -5.38
C PRO A 151 7.30 -2.53 -6.26
N ASP A 152 6.36 -3.25 -5.65
CA ASP A 152 5.52 -4.21 -6.38
C ASP A 152 4.14 -3.57 -6.56
N GLU A 153 3.97 -2.93 -7.71
CA GLU A 153 2.75 -2.16 -7.98
C GLU A 153 1.54 -3.03 -8.24
N SER A 154 1.69 -4.35 -8.30
CA SER A 154 0.54 -5.23 -8.38
C SER A 154 -0.14 -5.46 -7.04
N ILE A 155 0.44 -4.99 -5.94
CA ILE A 155 -0.05 -5.29 -4.60
C ILE A 155 -0.59 -4.03 -3.96
N ASP A 156 -1.76 -4.15 -3.34
CA ASP A 156 -2.42 -3.05 -2.64
C ASP A 156 -2.36 -3.37 -1.16
N LEU A 157 -1.61 -2.57 -0.39
CA LEU A 157 -1.43 -2.88 1.03
C LEU A 157 -2.63 -2.52 1.88
N TYR A 158 -3.69 -1.96 1.31
CA TYR A 158 -4.88 -1.59 2.08
C TYR A 158 -5.46 -2.81 2.80
N GLN A 159 -5.58 -3.95 2.12
CA GLN A 159 -6.15 -5.12 2.77
C GLN A 159 -5.20 -5.71 3.82
N VAL A 160 -3.89 -5.59 3.60
CA VAL A 160 -2.90 -6.02 4.59
C VAL A 160 -3.05 -5.22 5.88
N ILE A 161 -3.20 -3.89 5.75
CA ILE A 161 -3.28 -3.03 6.93
C ILE A 161 -4.48 -3.41 7.79
N HIS A 162 -5.59 -3.80 7.17
CA HIS A 162 -6.80 -4.14 7.92
C HIS A 162 -6.65 -5.38 8.78
N LYS A 163 -5.72 -6.27 8.44
CA LYS A 163 -5.53 -7.49 9.21
C LYS A 163 -4.72 -7.27 10.48
N MET A 164 -4.02 -6.16 10.59
CA MET A 164 -3.31 -5.82 11.81
C MET A 164 -4.28 -5.40 12.91
N GLY B 1 -26.08 18.85 9.51
CA GLY B 1 -26.50 18.45 8.18
C GLY B 1 -25.50 17.54 7.49
N THR B 2 -24.88 16.66 8.26
CA THR B 2 -23.77 15.84 7.77
C THR B 2 -24.18 14.43 7.37
N SER B 3 -25.47 14.07 7.45
CA SER B 3 -25.88 12.70 7.22
C SER B 3 -25.53 12.22 5.82
N LYS B 4 -25.83 13.02 4.80
CA LYS B 4 -25.53 12.61 3.43
C LYS B 4 -24.03 12.44 3.22
N LEU B 5 -23.26 13.42 3.67
CA LEU B 5 -21.82 13.35 3.46
C LEU B 5 -21.22 12.16 4.20
N LYS B 6 -21.67 11.92 5.44
CA LYS B 6 -21.19 10.76 6.18
C LYS B 6 -21.53 9.46 5.46
N TYR B 7 -22.68 9.40 4.81
CA TYR B 7 -23.03 8.21 4.04
C TYR B 7 -22.09 8.03 2.86
N VAL B 8 -21.79 9.12 2.15
CA VAL B 8 -20.84 9.04 1.03
C VAL B 8 -19.47 8.56 1.51
N LEU B 9 -19.04 8.99 2.69
CA LEU B 9 -17.70 8.72 3.19
C LEU B 9 -17.60 7.41 3.97
N GLN B 10 -18.71 6.72 4.20
CA GLN B 10 -18.67 5.47 4.93
C GLN B 10 -17.81 4.47 4.15
N ASP B 11 -16.81 3.91 4.83
CA ASP B 11 -15.95 2.90 4.22
C ASP B 11 -15.20 3.40 2.98
N ALA B 12 -14.94 4.71 2.91
CA ALA B 12 -14.23 5.30 1.77
C ALA B 12 -12.71 5.14 1.93
N ARG B 13 -12.01 5.23 0.79
CA ARG B 13 -10.56 5.44 0.81
C ARG B 13 -10.28 6.86 0.38
N PHE B 14 -9.18 7.42 0.87
CA PHE B 14 -8.87 8.82 0.66
C PHE B 14 -7.44 8.97 0.16
N PHE B 15 -7.24 9.85 -0.81
CA PHE B 15 -5.92 10.12 -1.35
C PHE B 15 -5.68 11.62 -1.46
N LEU B 16 -4.52 12.07 -1.00
CA LEU B 16 -4.09 13.44 -1.21
C LEU B 16 -3.62 13.60 -2.64
N ILE B 17 -4.08 14.67 -3.30
CA ILE B 17 -3.67 15.00 -4.66
C ILE B 17 -2.94 16.33 -4.59
N LYS B 18 -1.70 16.35 -5.06
CA LYS B 18 -0.90 17.57 -5.09
C LYS B 18 -0.78 18.01 -6.54
N SER B 19 -1.21 19.23 -6.83
CA SER B 19 -1.12 19.80 -8.16
C SER B 19 -0.04 20.87 -8.17
N ASN B 20 0.74 20.90 -9.23
CA ASN B 20 1.77 21.92 -9.31
C ASN B 20 1.23 23.29 -9.68
N ASN B 21 0.01 23.37 -10.24
CA ASN B 21 -0.55 24.65 -10.65
C ASN B 21 -2.02 24.75 -10.25
N HIS B 22 -2.50 25.99 -10.15
CA HIS B 22 -3.93 26.23 -9.90
C HIS B 22 -4.77 25.96 -11.15
N GLU B 23 -4.18 26.12 -12.34
CA GLU B 23 -4.97 26.04 -13.57
C GLU B 23 -5.57 24.66 -13.77
N ASN B 24 -4.79 23.60 -13.51
CA ASN B 24 -5.33 22.27 -13.71
C ASN B 24 -6.41 21.93 -12.70
N VAL B 25 -6.31 22.49 -11.49
CA VAL B 25 -7.39 22.32 -10.53
C VAL B 25 -8.65 23.06 -10.99
N SER B 26 -8.49 24.28 -11.53
CA SER B 26 -9.66 24.99 -12.04
CA SER B 26 -9.64 25.00 -12.06
C SER B 26 -10.30 24.23 -13.19
N LEU B 27 -9.50 23.71 -14.10
CA LEU B 27 -10.00 22.89 -15.19
C LEU B 27 -10.77 21.69 -14.64
N ALA B 28 -10.16 20.97 -13.69
CA ALA B 28 -10.75 19.75 -13.15
C ALA B 28 -12.04 20.04 -12.41
N LYS B 29 -12.10 21.18 -11.73
CA LYS B 29 -13.31 21.54 -11.00
C LYS B 29 -14.49 21.78 -11.92
N ALA B 30 -14.23 22.34 -13.10
CA ALA B 30 -15.32 22.69 -14.00
C ALA B 30 -15.78 21.48 -14.81
N LYS B 31 -14.85 20.62 -15.21
CA LYS B 31 -15.15 19.52 -16.12
C LYS B 31 -15.34 18.18 -15.43
N GLY B 32 -14.93 18.04 -14.16
CA GLY B 32 -15.15 16.79 -13.46
C GLY B 32 -14.24 15.66 -13.92
N VAL B 33 -12.96 15.96 -14.07
CA VAL B 33 -11.98 14.99 -14.53
C VAL B 33 -10.68 15.21 -13.79
N TRP B 34 -9.87 14.16 -13.71
CA TRP B 34 -8.52 14.26 -13.18
C TRP B 34 -7.62 13.23 -13.86
N SER B 35 -6.33 13.56 -13.92
CA SER B 35 -5.30 12.64 -14.39
C SER B 35 -4.09 12.78 -13.48
N THR B 36 -3.40 11.67 -13.26
CA THR B 36 -2.23 11.64 -12.38
C THR B 36 -1.15 10.78 -13.02
N LEU B 37 0.00 10.71 -12.34
CA LEU B 37 1.14 9.95 -12.83
C LEU B 37 0.87 8.44 -12.76
N PRO B 38 1.62 7.63 -13.51
CA PRO B 38 1.24 6.21 -13.64
C PRO B 38 1.19 5.43 -12.32
N VAL B 39 2.12 5.69 -11.39
CA VAL B 39 2.10 4.97 -10.12
C VAL B 39 0.82 5.26 -9.37
N ASN B 40 0.43 6.53 -9.29
CA ASN B 40 -0.82 6.89 -8.63
C ASN B 40 -2.03 6.42 -9.43
N GLU B 41 -1.94 6.45 -10.77
CA GLU B 41 -3.07 5.97 -11.57
C GLU B 41 -3.39 4.52 -11.26
N LYS B 42 -2.37 3.68 -11.15
CA LYS B 42 -2.56 2.29 -10.76
C LYS B 42 -3.20 2.19 -9.37
N LYS B 43 -2.66 2.93 -8.40
CA LYS B 43 -3.20 2.91 -7.04
C LYS B 43 -4.68 3.28 -7.02
N LEU B 44 -5.06 4.29 -7.78
CA LEU B 44 -6.44 4.75 -7.77
C LEU B 44 -7.38 3.77 -8.45
N ASN B 45 -6.90 3.10 -9.51
CA ASN B 45 -7.76 2.11 -10.16
C ASN B 45 -8.02 0.93 -9.24
N LEU B 46 -6.99 0.46 -8.54
CA LEU B 46 -7.17 -0.59 -7.56
C LEU B 46 -8.15 -0.17 -6.48
N ALA B 47 -8.02 1.06 -5.98
CA ALA B 47 -8.90 1.52 -4.92
C ALA B 47 -10.33 1.67 -5.42
N PHE B 48 -10.50 2.10 -6.66
CA PHE B 48 -11.86 2.27 -7.19
C PHE B 48 -12.60 0.95 -7.21
N ARG B 49 -11.91 -0.13 -7.57
CA ARG B 49 -12.56 -1.44 -7.65
C ARG B 49 -12.84 -2.05 -6.28
N SER B 50 -12.13 -1.62 -5.23
CA SER B 50 -12.22 -2.29 -3.93
C SER B 50 -13.00 -1.52 -2.88
N ALA B 51 -13.27 -0.23 -3.08
CA ALA B 51 -13.85 0.61 -2.05
C ALA B 51 -15.17 1.19 -2.54
N ARG B 52 -16.08 1.43 -1.59
CA ARG B 52 -17.39 1.99 -1.94
C ARG B 52 -17.26 3.40 -2.50
N SER B 53 -16.33 4.20 -1.97
CA SER B 53 -16.01 5.52 -2.49
C SER B 53 -14.51 5.72 -2.43
N VAL B 54 -13.96 6.38 -3.45
CA VAL B 54 -12.58 6.83 -3.45
C VAL B 54 -12.58 8.34 -3.54
N ILE B 55 -11.98 8.98 -2.54
CA ILE B 55 -12.04 10.42 -2.38
C ILE B 55 -10.65 10.98 -2.66
N LEU B 56 -10.58 11.99 -3.53
CA LEU B 56 -9.36 12.73 -3.81
C LEU B 56 -9.48 14.09 -3.12
N ILE B 57 -8.51 14.42 -2.28
CA ILE B 57 -8.49 15.69 -1.56
C ILE B 57 -7.34 16.50 -2.17
N PHE B 58 -7.66 17.65 -2.77
CA PHE B 58 -6.73 18.40 -3.61
C PHE B 58 -6.03 19.51 -2.85
N SER B 59 -4.72 19.64 -3.11
CA SER B 59 -3.94 20.75 -2.59
C SER B 59 -2.91 21.20 -3.62
N VAL B 60 -2.98 22.47 -4.03
CA VAL B 60 -2.03 23.04 -4.97
C VAL B 60 -0.72 23.32 -4.23
N ARG B 61 0.39 22.90 -4.82
CA ARG B 61 1.71 23.09 -4.20
C ARG B 61 1.91 24.55 -3.83
N GLU B 62 2.41 24.77 -2.60
CA GLU B 62 2.74 26.08 -2.05
C GLU B 62 1.53 26.96 -1.75
N SER B 63 0.29 26.44 -1.87
CA SER B 63 -0.87 27.30 -1.64
C SER B 63 -1.21 27.46 -0.16
N GLY B 64 -0.73 26.57 0.71
CA GLY B 64 -1.15 26.60 2.10
C GLY B 64 -2.58 26.16 2.35
N LYS B 65 -3.22 25.54 1.37
CA LYS B 65 -4.64 25.24 1.47
C LYS B 65 -4.94 23.94 0.73
N PHE B 66 -6.04 23.30 1.12
CA PHE B 66 -6.75 22.37 0.25
C PHE B 66 -7.77 23.14 -0.57
N GLN B 67 -7.98 22.75 -1.83
CA GLN B 67 -8.92 23.43 -2.71
C GLN B 67 -10.24 22.71 -2.87
N GLY B 68 -10.41 21.55 -2.26
CA GLY B 68 -11.66 20.83 -2.32
C GLY B 68 -11.42 19.34 -2.36
N PHE B 69 -12.52 18.60 -2.51
CA PHE B 69 -12.42 17.14 -2.62
C PHE B 69 -13.51 16.58 -3.53
N ALA B 70 -13.23 15.41 -4.09
CA ALA B 70 -14.08 14.83 -5.12
C ALA B 70 -14.06 13.31 -4.99
N ARG B 71 -15.07 12.66 -5.56
CA ARG B 71 -15.18 11.21 -5.54
C ARG B 71 -14.99 10.67 -6.95
N LEU B 72 -14.13 9.67 -7.11
CA LEU B 72 -14.01 9.01 -8.41
C LEU B 72 -15.35 8.41 -8.83
N SER B 73 -15.76 8.67 -10.06
CA SER B 73 -16.91 7.95 -10.60
C SER B 73 -16.51 6.89 -11.61
N SER B 74 -15.24 6.81 -11.98
CA SER B 74 -14.77 5.77 -12.88
C SER B 74 -13.31 5.48 -12.60
N GLU B 75 -12.86 4.33 -13.09
CA GLU B 75 -11.43 4.11 -13.27
C GLU B 75 -10.92 5.02 -14.38
N SER B 76 -9.61 5.04 -14.56
CA SER B 76 -9.02 5.86 -15.59
C SER B 76 -9.32 5.24 -16.95
N HIS B 77 -9.51 6.11 -17.94
CA HIS B 77 -9.85 5.67 -19.28
C HIS B 77 -8.94 6.39 -20.25
N HIS B 78 -8.41 5.64 -21.20
CA HIS B 78 -7.58 6.20 -22.26
C HIS B 78 -8.39 6.27 -23.55
N GLY B 79 -8.00 7.16 -24.44
CA GLY B 79 -8.66 7.27 -25.72
C GLY B 79 -9.90 8.14 -25.74
N GLY B 80 -10.14 8.92 -24.69
CA GLY B 80 -11.19 9.91 -24.71
C GLY B 80 -10.70 11.18 -25.39
N SER B 81 -11.54 12.22 -25.31
CA SER B 81 -11.16 13.51 -25.83
C SER B 81 -9.99 14.04 -25.00
N PRO B 82 -8.88 14.43 -25.64
CA PRO B 82 -7.72 14.91 -24.86
C PRO B 82 -8.07 16.07 -23.93
N ILE B 83 -8.11 15.82 -22.63
CA ILE B 83 -8.12 16.92 -21.68
C ILE B 83 -6.85 17.72 -21.88
N HIS B 84 -6.99 19.02 -22.09
CA HIS B 84 -5.84 19.85 -22.41
C HIS B 84 -5.25 20.47 -21.15
N TRP B 85 -4.73 19.58 -20.29
CA TRP B 85 -4.06 20.00 -19.07
C TRP B 85 -2.97 21.01 -19.37
N VAL B 86 -2.76 21.92 -18.44
CA VAL B 86 -1.59 22.79 -18.44
C VAL B 86 -0.41 21.97 -17.90
N LEU B 87 0.51 21.62 -18.79
CA LEU B 87 1.55 20.64 -18.46
C LEU B 87 2.74 21.34 -17.81
N PRO B 88 3.15 20.95 -16.60
CA PRO B 88 4.41 21.45 -16.05
C PRO B 88 5.61 20.91 -16.84
N ALA B 89 6.76 21.53 -16.60
CA ALA B 89 7.97 21.17 -17.33
C ALA B 89 8.35 19.71 -17.08
N GLY B 90 8.73 19.02 -18.14
CA GLY B 90 9.06 17.60 -18.07
C GLY B 90 7.88 16.67 -18.13
N MET B 91 6.66 17.19 -18.10
CA MET B 91 5.45 16.37 -18.16
C MET B 91 4.86 16.44 -19.56
N SER B 92 4.52 15.28 -20.11
CA SER B 92 3.83 15.18 -21.39
C SER B 92 2.42 14.67 -21.16
N ALA B 93 1.58 14.83 -22.19
CA ALA B 93 0.21 14.35 -22.09
C ALA B 93 0.15 12.86 -21.81
N LYS B 94 1.12 12.09 -22.33
CA LYS B 94 1.10 10.64 -22.13
C LYS B 94 1.27 10.26 -20.67
N MET B 95 2.05 11.06 -19.92
CA MET B 95 2.20 10.81 -18.49
C MET B 95 0.87 10.96 -17.76
N LEU B 96 0.06 11.94 -18.16
CA LEU B 96 -1.27 12.15 -17.62
C LEU B 96 -2.35 11.54 -18.49
N GLY B 97 -2.06 10.37 -19.09
CA GLY B 97 -2.91 9.86 -20.15
C GLY B 97 -4.27 9.41 -19.67
N GLY B 98 -4.31 8.59 -18.63
CA GLY B 98 -5.58 8.10 -18.13
C GLY B 98 -6.40 9.23 -17.53
N VAL B 99 -7.68 9.27 -17.88
CA VAL B 99 -8.59 10.27 -17.36
C VAL B 99 -9.60 9.60 -16.43
N PHE B 100 -9.64 10.06 -15.17
CA PHE B 100 -10.67 9.65 -14.23
C PHE B 100 -11.81 10.65 -14.30
N LYS B 101 -13.03 10.15 -14.31
CA LYS B 101 -14.20 11.00 -14.09
C LYS B 101 -14.39 11.16 -12.59
N ILE B 102 -14.61 12.40 -12.14
CA ILE B 102 -14.77 12.70 -10.73
C ILE B 102 -16.01 13.57 -10.53
N ASP B 103 -16.67 13.37 -9.40
CA ASP B 103 -17.77 14.20 -8.96
C ASP B 103 -17.29 15.00 -7.75
N TRP B 104 -17.21 16.32 -7.91
CA TRP B 104 -16.81 17.17 -6.81
C TRP B 104 -17.85 17.16 -5.69
N ILE B 105 -17.35 17.09 -4.44
CA ILE B 105 -18.19 17.13 -3.26
C ILE B 105 -18.07 18.51 -2.62
N CYS B 106 -16.90 19.11 -2.71
CA CYS B 106 -16.70 20.46 -2.21
C CYS B 106 -15.62 21.10 -3.06
N ARG B 107 -15.90 22.29 -3.57
CA ARG B 107 -14.93 23.04 -4.34
C ARG B 107 -14.45 24.27 -3.59
N ARG B 108 -14.75 24.36 -2.30
CA ARG B 108 -14.30 25.48 -1.48
C ARG B 108 -12.99 25.16 -0.76
N GLU B 109 -12.26 26.22 -0.45
CA GLU B 109 -10.93 26.08 0.13
C GLU B 109 -11.01 25.75 1.62
N LEU B 110 -10.01 25.00 2.08
CA LEU B 110 -9.80 24.77 3.51
C LEU B 110 -8.35 25.10 3.81
N PRO B 111 -8.06 26.15 4.58
CA PRO B 111 -6.67 26.44 4.91
C PRO B 111 -6.08 25.37 5.82
N PHE B 112 -4.77 25.13 5.64
CA PHE B 112 -4.06 24.19 6.50
C PHE B 112 -4.21 24.57 7.96
N THR B 113 -4.42 25.86 8.26
CA THR B 113 -4.63 26.29 9.64
C THR B 113 -5.85 25.65 10.29
N LYS B 114 -6.85 25.23 9.50
CA LYS B 114 -8.03 24.59 10.05
C LYS B 114 -7.89 23.08 10.20
N SER B 115 -6.83 22.48 9.66
CA SER B 115 -6.61 21.03 9.74
C SER B 115 -5.41 20.66 10.58
N ALA B 116 -4.90 21.62 11.36
CA ALA B 116 -3.63 21.43 12.06
C ALA B 116 -3.71 20.39 13.16
N HIS B 117 -4.92 20.05 13.62
CA HIS B 117 -5.11 19.06 14.67
C HIS B 117 -5.24 17.63 14.15
N LEU B 118 -5.27 17.42 12.82
CA LEU B 118 -5.43 16.10 12.24
C LEU B 118 -4.12 15.54 11.74
N THR B 119 -3.81 14.30 12.12
CA THR B 119 -2.61 13.60 11.70
C THR B 119 -2.99 12.27 11.05
N ASN B 120 -2.20 11.86 10.06
CA ASN B 120 -2.48 10.69 9.26
C ASN B 120 -1.65 9.52 9.77
N PRO B 121 -2.25 8.50 10.39
CA PRO B 121 -1.46 7.36 10.88
CA PRO B 121 -1.44 7.36 10.88
C PRO B 121 -0.69 6.64 9.78
N TRP B 122 -1.16 6.69 8.55
CA TRP B 122 -0.50 6.00 7.44
C TRP B 122 0.59 6.86 6.81
N ASN B 123 0.89 8.01 7.40
CA ASN B 123 2.09 8.79 7.07
C ASN B 123 2.77 9.23 8.37
N GLU B 124 3.09 8.25 9.21
CA GLU B 124 3.90 8.44 10.43
C GLU B 124 3.26 9.42 11.42
N HIS B 125 1.94 9.53 11.38
CA HIS B 125 1.20 10.41 12.29
C HIS B 125 1.60 11.88 12.12
N LYS B 126 2.04 12.23 10.90
CA LYS B 126 2.33 13.62 10.57
C LYS B 126 1.04 14.35 10.23
N PRO B 127 1.02 15.68 10.41
CA PRO B 127 -0.15 16.47 10.04
C PRO B 127 -0.61 16.15 8.62
N VAL B 128 -1.93 16.08 8.44
CA VAL B 128 -2.51 15.56 7.20
C VAL B 128 -2.16 16.43 6.00
N LYS B 129 -1.86 17.71 6.22
CA LYS B 129 -1.38 18.55 5.12
C LYS B 129 -0.08 18.06 4.53
N ILE B 130 0.72 17.29 5.26
CA ILE B 130 2.01 16.82 4.80
C ILE B 130 1.82 15.54 4.00
N GLY B 131 2.27 15.54 2.77
CA GLY B 131 2.30 14.32 1.99
C GLY B 131 2.58 14.54 0.53
N ARG B 132 3.06 13.49 -0.13
CA ARG B 132 3.30 13.53 -1.56
C ARG B 132 2.00 13.30 -2.33
N ASP B 133 2.02 13.67 -3.60
CA ASP B 133 0.91 13.37 -4.48
C ASP B 133 0.59 11.89 -4.40
N GLY B 134 -0.67 11.58 -4.12
CA GLY B 134 -1.13 10.21 -4.04
C GLY B 134 -1.04 9.58 -2.67
N GLN B 135 -0.56 10.31 -1.67
CA GLN B 135 -0.46 9.77 -0.31
C GLN B 135 -1.83 9.31 0.18
N GLU B 136 -1.95 8.05 0.59
CA GLU B 136 -3.22 7.58 1.10
C GLU B 136 -3.44 8.05 2.52
N ILE B 137 -4.67 8.44 2.84
CA ILE B 137 -5.02 8.96 4.16
C ILE B 137 -5.94 7.94 4.84
N GLU B 138 -5.63 7.58 6.08
CA GLU B 138 -6.41 6.57 6.80
C GLU B 138 -7.86 7.05 6.97
N LEU B 139 -8.79 6.08 7.04
CA LEU B 139 -10.23 6.34 7.03
C LEU B 139 -10.69 7.45 7.98
N GLU B 140 -10.38 7.34 9.28
CA GLU B 140 -10.94 8.31 10.21
C GLU B 140 -10.32 9.70 10.00
N CYS B 141 -9.03 9.76 9.71
CA CYS B 141 -8.41 11.05 9.43
C CYS B 141 -9.00 11.68 8.17
N GLY B 142 -9.16 10.88 7.11
CA GLY B 142 -9.72 11.42 5.88
C GLY B 142 -11.14 11.87 6.06
N THR B 143 -11.92 11.12 6.84
CA THR B 143 -13.31 11.51 7.12
C THR B 143 -13.36 12.83 7.86
N GLN B 144 -12.55 12.96 8.92
CA GLN B 144 -12.59 14.21 9.67
C GLN B 144 -12.08 15.38 8.84
N LEU B 145 -11.07 15.13 7.99
CA LEU B 145 -10.59 16.20 7.11
C LEU B 145 -11.70 16.68 6.18
N CYS B 146 -12.41 15.75 5.53
CA CYS B 146 -13.49 16.16 4.64
C CYS B 146 -14.59 16.90 5.38
N LEU B 147 -14.84 16.55 6.64
CA LEU B 147 -15.91 17.18 7.39
C LEU B 147 -15.56 18.61 7.79
N LEU B 148 -14.27 18.96 7.73
CA LEU B 148 -13.83 20.33 8.05
C LEU B 148 -14.22 21.32 6.97
N PHE B 149 -14.39 20.88 5.72
CA PHE B 149 -14.65 21.80 4.64
C PHE B 149 -16.01 22.49 4.82
N PRO B 150 -16.14 23.75 4.39
CA PRO B 150 -17.44 24.43 4.49
C PRO B 150 -18.43 23.83 3.53
N PRO B 151 -19.72 23.97 3.80
CA PRO B 151 -20.73 23.50 2.83
C PRO B 151 -20.60 24.25 1.52
N ASP B 152 -20.79 23.54 0.41
CA ASP B 152 -20.66 24.12 -0.92
C ASP B 152 -22.04 24.17 -1.56
N GLU B 153 -22.60 25.38 -1.70
CA GLU B 153 -23.95 25.55 -2.22
C GLU B 153 -24.05 25.30 -3.71
N SER B 154 -22.93 25.19 -4.42
CA SER B 154 -22.95 24.85 -5.83
C SER B 154 -23.05 23.35 -6.06
N ILE B 155 -22.93 22.54 -5.02
CA ILE B 155 -22.87 21.09 -5.17
CA ILE B 155 -22.85 21.08 -5.13
C ILE B 155 -24.16 20.46 -4.65
N ASP B 156 -24.64 19.47 -5.42
CA ASP B 156 -25.77 18.63 -5.05
C ASP B 156 -25.25 17.21 -4.93
N LEU B 157 -25.29 16.65 -3.72
CA LEU B 157 -24.82 15.28 -3.49
C LEU B 157 -25.71 14.21 -4.11
N TYR B 158 -26.84 14.58 -4.72
CA TYR B 158 -27.82 13.57 -5.15
C TYR B 158 -27.25 12.65 -6.22
N GLN B 159 -26.57 13.21 -7.22
CA GLN B 159 -25.95 12.39 -8.25
C GLN B 159 -24.98 11.38 -7.66
N VAL B 160 -24.17 11.81 -6.69
CA VAL B 160 -23.18 10.91 -6.10
C VAL B 160 -23.87 9.77 -5.37
N ILE B 161 -24.88 10.09 -4.55
CA ILE B 161 -25.54 9.06 -3.76
C ILE B 161 -26.18 8.02 -4.67
N HIS B 162 -26.69 8.44 -5.83
CA HIS B 162 -27.25 7.50 -6.78
C HIS B 162 -26.20 6.69 -7.52
N LYS B 163 -24.94 7.14 -7.54
CA LYS B 163 -23.86 6.35 -8.13
C LYS B 163 -23.31 5.29 -7.18
N MET B 164 -23.73 5.28 -5.93
CA MET B 164 -23.29 4.29 -4.96
C MET B 164 -24.36 3.22 -4.78
C10 JIR C . 16.30 -26.87 5.67
C15 JIR C . 15.93 -29.23 3.76
C17 JIR C . 13.19 -25.42 2.81
C01 JIR C . 8.28 -25.41 1.73
C03 JIR C . 10.75 -25.46 2.23
C04 JIR C . 11.91 -25.20 3.20
C06 JIR C . 13.24 -24.71 4.86
C08 JIR C . 15.45 -25.23 3.79
C09 JIR C . 15.79 -26.64 4.25
C11 JIR C . 16.63 -28.29 6.12
C14 JIR C . 16.45 -29.46 5.17
C16 JIR C . 15.59 -27.82 3.30
C19 JIR C . 12.39 -26.16 0.50
N02 JIR C . 9.39 -25.24 2.64
N05 JIR C . 11.95 -24.77 4.48
N07 JIR C . 14.01 -25.11 3.81
N18 JIR C . 13.49 -25.90 1.42
N21 JIR C . 11.04 -25.93 0.91
CL20 JIR C . 12.78 -26.74 -1.14
S SO4 D . 1.40 3.36 -1.22
S SO4 D . 1.18 5.24 -0.20
O1 SO4 D . 0.18 4.14 -1.13
O1 SO4 D . -0.08 5.91 0.09
O2 SO4 D . 1.11 1.95 -0.91
O2 SO4 D . 1.37 4.86 -1.59
O3 SO4 D . 1.94 3.41 -2.57
O3 SO4 D . 2.30 6.08 0.21
O4 SO4 D . 2.39 3.85 -0.25
O4 SO4 D . 1.24 4.01 0.60
S SO4 E . 18.40 -30.65 -2.27
O1 SO4 E . 18.85 -30.69 -0.88
O2 SO4 E . 17.97 -31.99 -2.68
O3 SO4 E . 17.28 -29.72 -2.41
O4 SO4 E . 19.49 -30.21 -3.14
S SO4 F . 19.17 -23.67 6.05
O1 SO4 F . 18.79 -23.84 7.45
O2 SO4 F . 18.02 -23.74 5.18
O3 SO4 F . 20.14 -24.72 5.72
O4 SO4 F . 19.87 -22.38 5.87
S SO4 G . -4.51 -27.22 13.48
O1 SO4 G . -4.65 -25.98 14.25
O2 SO4 G . -5.21 -28.28 14.21
O3 SO4 G . -5.13 -27.04 12.17
O4 SO4 G . -3.10 -27.58 13.34
C10 JIR H . 3.73 16.62 -11.24
C15 JIR H . 5.41 14.62 -9.65
C17 JIR H . 0.18 17.06 -10.97
C01 JIR H . -3.70 16.95 -14.13
C03 JIR H . -1.71 17.08 -12.60
C04 JIR H . -0.82 16.38 -11.57
C06 JIR H . 0.19 15.03 -10.21
C08 JIR H . 1.93 16.61 -9.29
C09 JIR H . 3.24 16.12 -9.88
C11 JIR H . 5.06 16.11 -11.81
C14 JIR H . 5.89 15.11 -11.01
C16 JIR H . 4.09 15.12 -9.09
C19 JIR H . -0.42 19.16 -12.24
N02 JIR H . -2.75 16.32 -13.23
N05 JIR H . -0.81 15.12 -11.11
N07 JIR H . 0.80 16.23 -10.12
N18 JIR H . 0.44 18.50 -11.27
N21 JIR H . -1.48 18.45 -12.92
CL20 JIR H . -0.09 20.86 -12.59
S SO4 I . -14.09 29.60 -1.47
O1 SO4 I . -14.76 29.32 -0.20
O2 SO4 I . -14.97 29.29 -2.59
O3 SO4 I . -13.73 31.01 -1.51
O4 SO4 I . -12.89 28.76 -1.57
S SO4 J . -29.67 17.93 3.51
O1 SO4 J . -31.00 18.50 3.26
O2 SO4 J . -29.78 16.50 3.74
O3 SO4 J . -29.10 18.59 4.69
O4 SO4 J . -28.81 18.15 2.35
S SO4 K . -20.08 30.77 4.39
O1 SO4 K . -19.38 30.56 5.66
O2 SO4 K . -20.38 29.49 3.77
O3 SO4 K . -21.33 31.49 4.64
O4 SO4 K . -19.23 31.57 3.50
S SO4 L . 5.43 14.51 -5.69
O1 SO4 L . 4.29 15.02 -4.92
O2 SO4 L . 6.37 13.86 -4.79
O3 SO4 L . 6.10 15.62 -6.36
O4 SO4 L . 4.95 13.55 -6.69
S SO4 M . 3.37 22.12 -0.37
O1 SO4 M . 2.00 22.25 -0.84
O2 SO4 M . 3.59 20.75 0.08
O3 SO4 M . 3.58 23.05 0.74
O4 SO4 M . 4.29 22.43 -1.45
#